data_8BBH
#
_entry.id   8BBH
#
_cell.length_a   67.660
_cell.length_b   75.545
_cell.length_c   96.219
_cell.angle_alpha   90.000
_cell.angle_beta   90.000
_cell.angle_gamma   90.000
#
_symmetry.space_group_name_H-M   'P 2 21 21'
#
loop_
_entity.id
_entity.type
_entity.pdbx_description
1 polymer 'Glucose-6-phosphate isomerase'
2 polymer 'Heavy Chain of TL1 Fab fragment'
3 polymer 'Light Chain of TL1 Fab fragment'
4 water water
#
loop_
_entity_poly.entity_id
_entity_poly.type
_entity_poly.pdbx_seq_one_letter_code
_entity_poly.pdbx_strand_id
1 'polypeptide(L)' (ACA)CFEQLLSGAHWMDQHFCA A
2 'polypeptide(L)'
;QIQLVQSGPELKKPGETVKISCKASGYTFTTYALNWVKQAPGKGLKWMGWINTYSGVPTYADDFKGRFAFSLETSASTAY
LQINNLKNADTATYFCARGMSGTFDYWGQGTSLTVSSAKTTPPSVYPLAPGCTGSSVTLGCLVKGYFPESVTVTWNSGSL
SSSVHTFPALLQSGLYTMSSSVTVPSSTWPSQTVTCSVAHPASSTTVDKKIEP
;
H
3 'polypeptide(L)'
;DVVMTQTPLSLPVSLGDQASISCRSSQSLVYSNGNTYLDWFLQKPGQSPKLLIYKVSNRFSGVPDRFSGSGSGTDFTLKI
SRVEAEDLGVYFCSQTTHVPPTFGGGTKLEIKRTVAAPSVFIFPPSDEQLKSGTASVVCLLNNFYPREAKVQWKVDNALQ
SGNSQESVTEQDSKDSTYSLSSTLTLSKADYEKHKVYACEVTHQGLSSPVTKSFNRGE
;
L
#
# COMPACT_ATOMS: atom_id res chain seq x y z
N ALA A 10 35.80 6.27 -1.36
CA ALA A 10 35.51 7.29 -2.40
C ALA A 10 34.00 7.51 -2.45
N HIS A 11 33.16 6.48 -2.16
CA HIS A 11 31.72 6.75 -2.07
C HIS A 11 31.43 7.61 -0.85
N TRP A 12 30.51 8.57 -1.02
CA TRP A 12 30.24 9.61 -0.03
C TRP A 12 29.68 9.03 1.28
N MET A 13 29.16 7.80 1.26
CA MET A 13 28.61 7.16 2.46
C MET A 13 29.66 6.27 3.16
N ASP A 14 30.88 6.15 2.61
CA ASP A 14 31.91 5.35 3.26
C ASP A 14 32.40 6.05 4.54
N GLN A 15 32.81 5.25 5.55
CA GLN A 15 33.22 5.82 6.83
C GLN A 15 34.74 5.71 7.03
N HIS A 16 35.36 4.73 6.38
CA HIS A 16 36.77 4.47 6.54
C HIS A 16 37.43 4.34 5.17
N PHE A 17 38.68 4.81 5.00
CA PHE A 17 39.33 4.77 3.70
C PHE A 17 39.44 3.32 3.21
N GLN B 1 24.30 -13.92 8.75
CA GLN B 1 24.22 -13.67 10.21
C GLN B 1 24.19 -12.16 10.49
N ILE B 2 24.26 -11.29 9.47
CA ILE B 2 24.01 -9.88 9.69
C ILE B 2 22.51 -9.66 9.83
N GLN B 3 22.14 -8.87 10.84
CA GLN B 3 20.75 -8.61 11.12
C GLN B 3 20.60 -7.22 11.73
N LEU B 4 19.54 -6.51 11.32
CA LEU B 4 19.09 -5.27 11.93
C LEU B 4 17.69 -5.51 12.47
N VAL B 5 17.53 -5.30 13.79
CA VAL B 5 16.29 -5.55 14.47
C VAL B 5 15.79 -4.24 15.05
N GLN B 6 14.58 -3.88 14.62
CA GLN B 6 13.93 -2.63 15.00
C GLN B 6 12.92 -2.87 16.12
N SER B 7 12.62 -1.78 16.83
CA SER B 7 11.61 -1.76 17.86
C SER B 7 10.21 -1.90 17.22
N GLY B 8 9.23 -2.17 18.09
CA GLY B 8 7.89 -2.58 17.68
C GLY B 8 6.98 -1.44 17.27
N PRO B 9 5.73 -1.73 16.85
CA PRO B 9 4.84 -0.72 16.29
C PRO B 9 4.47 0.39 17.28
N GLU B 10 4.27 1.60 16.77
CA GLU B 10 3.96 2.78 17.58
C GLU B 10 2.64 3.40 17.11
N LEU B 11 1.81 3.81 18.08
CA LEU B 11 0.65 4.65 17.84
C LEU B 11 0.84 5.93 18.68
N LYS B 12 0.78 7.07 18.03
CA LYS B 12 1.09 8.36 18.63
C LYS B 12 0.10 9.40 18.11
N LYS B 13 0.00 10.53 18.82
CA LYS B 13 -0.89 11.63 18.47
C LYS B 13 -0.04 12.75 17.91
N PRO B 14 -0.63 13.60 17.04
CA PRO B 14 0.03 14.78 16.50
C PRO B 14 0.59 15.63 17.63
N GLY B 15 1.81 16.16 17.41
CA GLY B 15 2.52 16.95 18.43
C GLY B 15 3.41 16.14 19.37
N GLU B 16 3.22 14.82 19.46
CA GLU B 16 4.00 13.99 20.39
C GLU B 16 5.36 13.68 19.75
N THR B 17 6.17 12.95 20.50
CA THR B 17 7.49 12.49 20.08
C THR B 17 7.52 10.97 20.08
N VAL B 18 8.37 10.41 19.21
CA VAL B 18 8.58 8.97 19.18
C VAL B 18 10.06 8.69 18.92
N LYS B 19 10.56 7.63 19.55
CA LYS B 19 11.90 7.16 19.31
C LYS B 19 11.85 5.69 18.91
N ILE B 20 12.47 5.40 17.75
CA ILE B 20 12.53 4.10 17.13
C ILE B 20 13.98 3.63 17.17
N SER B 21 14.21 2.35 17.49
CA SER B 21 15.54 1.80 17.57
C SER B 21 15.80 0.79 16.46
N CYS B 22 17.08 0.59 16.21
CA CYS B 22 17.60 -0.33 15.22
C CYS B 22 18.87 -0.95 15.77
N LYS B 23 18.80 -2.21 16.23
CA LYS B 23 19.97 -2.87 16.77
C LYS B 23 20.63 -3.77 15.73
N ALA B 24 21.94 -3.58 15.58
CA ALA B 24 22.72 -4.28 14.57
C ALA B 24 23.49 -5.44 15.19
N SER B 25 23.59 -6.56 14.45
CA SER B 25 24.47 -7.65 14.86
C SER B 25 25.12 -8.29 13.64
N GLY B 26 26.21 -9.03 13.88
CA GLY B 26 26.83 -9.82 12.81
C GLY B 26 27.93 -9.08 12.08
N TYR B 27 28.25 -7.84 12.50
CA TYR B 27 29.32 -7.04 11.93
C TYR B 27 29.70 -5.98 12.96
N THR B 28 30.83 -5.30 12.72
CA THR B 28 31.26 -4.18 13.56
C THR B 28 30.44 -2.94 13.21
N PHE B 29 29.59 -2.55 14.17
CA PHE B 29 28.62 -1.47 14.01
C PHE B 29 29.26 -0.17 13.50
N THR B 30 30.47 0.17 14.02
CA THR B 30 31.07 1.47 13.69
C THR B 30 31.78 1.47 12.34
N THR B 31 31.81 0.36 11.60
CA THR B 31 32.50 0.30 10.32
C THR B 31 31.62 0.89 9.22
N TYR B 32 30.29 0.76 9.34
CA TYR B 32 29.42 1.09 8.22
C TYR B 32 28.31 2.05 8.66
N ALA B 33 27.92 2.91 7.70
CA ALA B 33 26.81 3.83 7.79
C ALA B 33 25.50 3.12 8.11
N LEU B 34 24.64 3.87 8.78
CA LEU B 34 23.27 3.46 8.99
C LEU B 34 22.35 4.54 8.43
N ASN B 35 21.38 4.10 7.59
CA ASN B 35 20.47 4.95 6.84
C ASN B 35 19.05 4.76 7.35
N TRP B 36 18.24 5.80 7.24
CA TRP B 36 16.83 5.76 7.59
C TRP B 36 16.01 6.04 6.32
N VAL B 37 14.96 5.23 6.11
CA VAL B 37 14.12 5.27 4.92
C VAL B 37 12.67 5.19 5.36
N LYS B 38 11.84 6.05 4.76
CA LYS B 38 10.42 6.15 5.06
C LYS B 38 9.63 5.48 3.95
N GLN B 39 8.58 4.71 4.33
CA GLN B 39 7.66 4.13 3.36
C GLN B 39 6.22 4.37 3.82
N ALA B 40 5.64 5.48 3.35
CA ALA B 40 4.26 5.83 3.64
C ALA B 40 3.33 4.85 2.91
N PRO B 41 2.14 4.50 3.47
CA PRO B 41 1.31 3.44 2.88
C PRO B 41 1.04 3.71 1.40
N GLY B 42 1.41 2.73 0.54
CA GLY B 42 1.33 2.82 -0.92
C GLY B 42 2.10 3.99 -1.55
N LYS B 43 3.21 4.45 -0.93
CA LYS B 43 4.04 5.49 -1.52
C LYS B 43 5.42 4.91 -1.80
N GLY B 44 6.23 5.63 -2.58
CA GLY B 44 7.58 5.17 -2.86
C GLY B 44 8.50 5.34 -1.64
N LEU B 45 9.56 4.52 -1.57
CA LEU B 45 10.59 4.66 -0.54
C LEU B 45 11.22 6.05 -0.61
N LYS B 46 11.43 6.69 0.55
CA LYS B 46 12.06 7.98 0.61
C LYS B 46 13.22 7.94 1.62
N TRP B 47 14.42 8.29 1.13
CA TRP B 47 15.59 8.33 1.98
C TRP B 47 15.55 9.59 2.84
N MET B 48 15.76 9.37 4.14
CA MET B 48 15.62 10.40 5.15
C MET B 48 16.99 10.99 5.50
N GLY B 49 18.06 10.22 5.30
CA GLY B 49 19.39 10.62 5.72
C GLY B 49 20.18 9.44 6.27
N TRP B 50 21.35 9.75 6.82
CA TRP B 50 22.19 8.69 7.40
C TRP B 50 22.94 9.24 8.60
N ILE B 51 23.46 8.31 9.40
CA ILE B 51 24.37 8.64 10.50
C ILE B 51 25.66 7.86 10.33
N ASN B 52 26.77 8.58 10.53
CA ASN B 52 28.09 8.02 10.57
C ASN B 52 28.21 7.38 11.92
N THR B 53 28.33 6.05 11.94
CA THR B 53 28.31 5.30 13.20
C THR B 53 29.64 5.38 13.94
N TYR B 54 30.66 5.97 13.33
CA TYR B 54 31.96 6.12 13.97
C TYR B 54 32.08 7.50 14.60
N SER B 55 31.75 8.55 13.82
CA SER B 55 31.81 9.92 14.30
C SER B 55 30.53 10.33 15.02
N GLY B 56 29.40 9.69 14.69
CA GLY B 56 28.10 10.07 15.23
C GLY B 56 27.44 11.21 14.46
N VAL B 57 28.07 11.70 13.39
CA VAL B 57 27.57 12.85 12.67
C VAL B 57 26.38 12.43 11.80
N PRO B 58 25.20 13.09 11.96
CA PRO B 58 24.03 12.80 11.12
C PRO B 58 23.99 13.71 9.89
N THR B 59 23.37 13.22 8.83
CA THR B 59 23.14 13.97 7.59
C THR B 59 21.67 13.77 7.22
N TYR B 60 20.89 14.87 7.13
CA TYR B 60 19.45 14.83 6.91
C TYR B 60 19.11 15.19 5.48
N ALA B 61 18.21 14.41 4.84
CA ALA B 61 17.73 14.83 3.53
C ALA B 61 16.87 16.08 3.72
N ASP B 62 16.67 16.81 2.63
CA ASP B 62 16.02 18.10 2.71
C ASP B 62 14.59 18.05 3.27
N ASP B 63 13.80 17.01 3.01
CA ASP B 63 12.47 16.95 3.61
C ASP B 63 12.49 16.50 5.06
N PHE B 64 13.66 16.18 5.63
CA PHE B 64 13.71 15.66 6.99
C PHE B 64 14.60 16.53 7.87
N LYS B 65 14.71 17.81 7.51
CA LYS B 65 15.41 18.78 8.35
C LYS B 65 14.37 19.39 9.27
N GLY B 66 14.62 19.44 10.57
CA GLY B 66 13.76 20.17 11.48
C GLY B 66 13.27 19.29 12.63
N ARG B 67 12.53 18.22 12.31
CA ARG B 67 11.87 17.47 13.37
C ARG B 67 12.47 16.07 13.55
N PHE B 68 13.53 15.77 12.82
CA PHE B 68 14.10 14.42 12.84
C PHE B 68 15.50 14.47 13.46
N ALA B 69 15.77 13.49 14.32
CA ALA B 69 17.07 13.39 14.99
C ALA B 69 17.56 11.94 14.92
N PHE B 70 18.79 11.76 14.38
CA PHE B 70 19.48 10.48 14.40
C PHE B 70 20.50 10.50 15.53
N SER B 71 20.55 9.41 16.33
CA SER B 71 21.50 9.26 17.42
C SER B 71 21.96 7.80 17.51
N LEU B 72 22.95 7.54 18.39
CA LEU B 72 23.59 6.24 18.53
C LEU B 72 23.65 5.83 20.01
N GLU B 73 23.64 4.50 20.25
CA GLU B 73 24.22 3.85 21.42
C GLU B 73 25.27 2.87 20.92
N THR B 74 26.47 3.37 20.65
CA THR B 74 27.50 2.57 19.99
C THR B 74 27.78 1.33 20.82
N SER B 75 27.80 1.51 22.16
CA SER B 75 28.04 0.43 23.13
C SER B 75 27.06 -0.72 22.97
N ALA B 76 25.84 -0.43 22.50
CA ALA B 76 24.80 -1.43 22.29
C ALA B 76 24.60 -1.73 20.80
N SER B 77 25.49 -1.24 19.91
CA SER B 77 25.35 -1.39 18.47
C SER B 77 23.96 -1.00 18.00
N THR B 78 23.42 0.05 18.58
CA THR B 78 22.03 0.43 18.31
C THR B 78 21.98 1.87 17.77
N ALA B 79 21.15 2.11 16.74
CA ALA B 79 20.87 3.45 16.22
C ALA B 79 19.42 3.83 16.54
N TYR B 80 19.19 5.14 16.72
CA TYR B 80 17.86 5.65 17.06
C TYR B 80 17.42 6.71 16.06
N LEU B 81 16.10 6.73 15.84
CA LEU B 81 15.43 7.75 15.06
C LEU B 81 14.39 8.37 16.00
N GLN B 82 14.48 9.68 16.19
CA GLN B 82 13.47 10.40 16.96
C GLN B 82 12.74 11.34 16.02
N ILE B 83 11.41 11.34 16.10
CA ILE B 83 10.60 12.28 15.35
C ILE B 83 9.82 13.10 16.38
N ASN B 84 10.00 14.44 16.32
CA ASN B 84 9.36 15.36 17.24
C ASN B 84 8.22 16.08 16.54
N ASN B 85 7.29 16.63 17.33
CA ASN B 85 6.17 17.41 16.81
C ASN B 85 5.46 16.65 15.68
N LEU B 86 5.03 15.43 15.98
CA LEU B 86 4.52 14.51 14.95
C LEU B 86 3.34 15.11 14.17
N LYS B 87 3.32 14.81 12.87
CA LYS B 87 2.28 15.22 11.96
C LYS B 87 1.56 13.97 11.47
N ASN B 88 0.32 14.13 10.98
CA ASN B 88 -0.41 13.01 10.38
C ASN B 88 0.41 12.36 9.25
N ALA B 89 1.09 13.19 8.45
CA ALA B 89 1.87 12.72 7.31
C ALA B 89 3.13 11.91 7.73
N ASP B 90 3.43 11.81 9.03
CA ASP B 90 4.51 10.95 9.49
C ASP B 90 4.08 9.49 9.54
N THR B 91 2.77 9.19 9.32
CA THR B 91 2.30 7.81 9.30
C THR B 91 3.01 7.03 8.19
N ALA B 92 3.70 5.96 8.56
CA ALA B 92 4.59 5.25 7.64
C ALA B 92 5.29 4.12 8.37
N THR B 93 5.91 3.25 7.56
CA THR B 93 6.88 2.29 8.05
C THR B 93 8.24 2.94 7.85
N TYR B 94 9.02 2.91 8.93
CA TYR B 94 10.39 3.38 8.91
C TYR B 94 11.35 2.20 8.96
N PHE B 95 12.37 2.25 8.09
CA PHE B 95 13.38 1.22 8.01
C PHE B 95 14.75 1.83 8.32
N CYS B 96 15.58 1.07 9.03
CA CYS B 96 17.02 1.31 9.05
C CYS B 96 17.67 0.38 8.03
N ALA B 97 18.75 0.85 7.41
CA ALA B 97 19.48 0.04 6.45
C ALA B 97 20.96 0.36 6.59
N ARG B 98 21.77 -0.71 6.59
CA ARG B 98 23.22 -0.56 6.54
C ARG B 98 23.61 -0.03 5.17
N GLY B 99 24.57 0.91 5.14
CA GLY B 99 25.24 1.27 3.90
C GLY B 99 26.66 0.71 3.85
N MET B 100 26.90 -0.20 2.88
CA MET B 100 28.24 -0.70 2.62
C MET B 100 28.62 -0.41 1.17
N SER B 101 29.69 0.35 0.94
CA SER B 101 30.18 0.63 -0.41
C SER B 101 29.07 1.09 -1.35
N GLY B 102 28.16 1.96 -0.86
CA GLY B 102 27.18 2.59 -1.71
C GLY B 102 25.90 1.78 -1.92
N THR B 103 25.75 0.71 -1.13
CA THR B 103 24.60 -0.16 -1.23
C THR B 103 23.92 -0.25 0.12
N PHE B 104 22.58 -0.25 0.11
CA PHE B 104 21.74 -0.54 1.27
C PHE B 104 21.54 -2.05 1.38
N ASP B 105 22.51 -2.76 1.99
CA ASP B 105 22.61 -4.19 1.78
C ASP B 105 21.76 -4.98 2.77
N TYR B 106 21.62 -4.50 4.02
CA TYR B 106 20.78 -5.18 5.00
C TYR B 106 19.81 -4.18 5.60
N TRP B 107 18.53 -4.54 5.63
CA TRP B 107 17.48 -3.67 6.15
C TRP B 107 16.92 -4.25 7.43
N GLY B 108 16.51 -3.36 8.32
CA GLY B 108 15.66 -3.74 9.43
C GLY B 108 14.31 -4.23 8.93
N GLN B 109 13.53 -4.87 9.83
CA GLN B 109 12.23 -5.40 9.46
C GLN B 109 11.17 -4.28 9.30
N GLY B 110 11.49 -3.04 9.71
CA GLY B 110 10.55 -1.95 9.65
C GLY B 110 9.80 -1.75 10.97
N THR B 111 9.49 -0.49 11.26
CA THR B 111 8.73 -0.12 12.43
C THR B 111 7.55 0.69 11.90
N SER B 112 6.34 0.17 12.13
CA SER B 112 5.13 0.88 11.78
C SER B 112 4.86 2.00 12.78
N LEU B 113 4.66 3.22 12.30
CA LEU B 113 4.22 4.36 13.10
C LEU B 113 2.88 4.86 12.52
N THR B 114 1.87 4.93 13.39
CA THR B 114 0.58 5.53 13.06
C THR B 114 0.39 6.78 13.91
N VAL B 115 0.09 7.89 13.24
CA VAL B 115 -0.17 9.16 13.88
C VAL B 115 -1.66 9.49 13.70
N SER B 116 -2.37 9.67 14.82
CA SER B 116 -3.77 10.07 14.80
C SER B 116 -4.12 10.72 16.12
N SER B 117 -4.98 11.74 16.05
CA SER B 117 -5.57 12.36 17.24
C SER B 117 -6.66 11.48 17.89
N ALA B 118 -7.07 10.37 17.24
CA ALA B 118 -8.19 9.58 17.71
C ALA B 118 -7.85 8.77 18.94
N LYS B 119 -8.79 8.71 19.89
CA LYS B 119 -8.79 7.69 20.90
C LYS B 119 -9.40 6.45 20.26
N THR B 120 -9.36 5.33 20.99
CA THR B 120 -10.02 4.11 20.55
C THR B 120 -11.50 4.39 20.26
N THR B 121 -11.92 4.05 19.04
CA THR B 121 -13.22 4.48 18.52
C THR B 121 -13.84 3.33 17.76
N PRO B 122 -15.05 2.84 18.14
CA PRO B 122 -15.67 1.72 17.45
C PRO B 122 -16.13 2.18 16.07
N PRO B 123 -16.33 1.26 15.11
CA PRO B 123 -16.82 1.65 13.80
C PRO B 123 -18.32 1.92 13.77
N SER B 124 -18.77 2.76 12.84
CA SER B 124 -20.16 2.73 12.43
C SER B 124 -20.24 1.72 11.29
N VAL B 125 -21.29 0.92 11.29
CA VAL B 125 -21.48 -0.11 10.28
C VAL B 125 -22.73 0.21 9.49
N TYR B 126 -22.55 0.40 8.19
CA TYR B 126 -23.63 0.71 7.27
C TYR B 126 -23.84 -0.38 6.21
N PRO B 127 -25.08 -0.88 6.09
CA PRO B 127 -25.41 -1.92 5.11
C PRO B 127 -25.45 -1.31 3.72
N LEU B 128 -24.93 -2.12 2.77
CA LEU B 128 -24.94 -1.79 1.37
C LEU B 128 -25.84 -2.81 0.67
N ALA B 129 -27.04 -2.38 0.27
CA ALA B 129 -28.01 -3.27 -0.32
C ALA B 129 -28.49 -2.64 -1.62
N PRO B 130 -28.77 -3.43 -2.67
CA PRO B 130 -29.33 -2.89 -3.91
C PRO B 130 -30.75 -2.36 -3.66
N GLY B 131 -31.16 -1.38 -4.48
CA GLY B 131 -32.31 -0.55 -4.18
C GLY B 131 -32.86 0.19 -5.40
N CYS B 132 -33.80 -0.48 -6.07
CA CYS B 132 -34.65 0.08 -7.13
C CYS B 132 -34.39 1.58 -7.27
N THR B 133 -31.23 -8.65 -8.82
CA THR B 133 -31.72 -8.36 -10.19
C THR B 133 -31.29 -9.50 -11.11
N GLY B 134 -30.02 -9.96 -11.04
CA GLY B 134 -29.49 -11.08 -11.83
C GLY B 134 -29.46 -12.42 -11.10
N SER B 135 -28.68 -13.39 -11.60
CA SER B 135 -28.61 -14.73 -11.02
C SER B 135 -27.84 -14.72 -9.69
N SER B 136 -26.87 -13.80 -9.57
CA SER B 136 -26.25 -13.53 -8.28
C SER B 136 -26.50 -12.07 -7.90
N VAL B 137 -26.34 -11.81 -6.61
CA VAL B 137 -26.51 -10.49 -6.03
C VAL B 137 -25.32 -10.21 -5.11
N THR B 138 -24.83 -8.96 -5.16
CA THR B 138 -23.72 -8.51 -4.33
C THR B 138 -24.27 -7.52 -3.30
N LEU B 139 -23.91 -7.81 -2.05
CA LEU B 139 -24.23 -7.01 -0.87
C LEU B 139 -22.93 -6.55 -0.25
N GLY B 140 -23.01 -5.56 0.64
CA GLY B 140 -21.82 -5.18 1.35
C GLY B 140 -22.10 -4.51 2.68
N CYS B 141 -20.99 -4.27 3.39
CA CYS B 141 -20.99 -3.46 4.61
C CYS B 141 -19.83 -2.47 4.53
N LEU B 142 -20.15 -1.23 4.87
CA LEU B 142 -19.22 -0.12 4.93
C LEU B 142 -18.95 0.13 6.40
N VAL B 143 -17.67 0.05 6.78
CA VAL B 143 -17.28 0.10 8.17
C VAL B 143 -16.45 1.37 8.34
N LYS B 144 -16.99 2.36 9.02
CA LYS B 144 -16.48 3.72 8.91
C LYS B 144 -16.16 4.32 10.28
N GLY B 145 -15.05 5.09 10.38
CA GLY B 145 -14.81 5.93 11.54
C GLY B 145 -14.25 5.22 12.76
N TYR B 146 -13.40 4.21 12.56
CA TYR B 146 -12.87 3.46 13.69
C TYR B 146 -11.37 3.68 13.87
N PHE B 147 -10.88 3.36 15.07
CA PHE B 147 -9.49 3.46 15.42
C PHE B 147 -9.22 2.60 16.66
N PRO B 148 -8.14 1.78 16.72
CA PRO B 148 -7.18 1.61 15.63
C PRO B 148 -7.57 0.42 14.73
N GLU B 149 -6.66 0.08 13.83
CA GLU B 149 -6.84 -1.09 12.99
C GLU B 149 -6.95 -2.37 13.80
N SER B 150 -7.48 -3.34 13.02
CA SER B 150 -8.17 -4.56 13.40
C SER B 150 -9.68 -4.35 13.31
N VAL B 151 -10.34 -4.48 12.13
CA VAL B 151 -11.73 -4.97 12.10
C VAL B 151 -11.81 -6.23 11.25
N THR B 152 -12.81 -7.10 11.54
CA THR B 152 -13.16 -8.21 10.69
C THR B 152 -14.64 -8.09 10.36
N VAL B 153 -14.99 -8.50 9.14
CA VAL B 153 -16.36 -8.61 8.72
C VAL B 153 -16.61 -10.09 8.43
N THR B 154 -17.57 -10.66 9.14
CA THR B 154 -17.96 -12.03 8.94
C THR B 154 -19.40 -12.04 8.43
N TRP B 155 -19.60 -12.64 7.27
CA TRP B 155 -20.91 -12.75 6.66
C TRP B 155 -21.59 -14.04 7.09
N ASN B 156 -22.90 -13.94 7.37
CA ASN B 156 -23.78 -15.09 7.45
C ASN B 156 -24.90 -14.92 6.44
N SER B 157 -25.26 -16.04 5.78
CA SER B 157 -26.29 -16.04 4.77
C SER B 157 -27.02 -17.38 4.77
N GLY B 158 -28.03 -17.47 3.92
CA GLY B 158 -28.71 -18.72 3.63
C GLY B 158 -28.12 -19.42 2.40
N SER B 159 -26.88 -19.06 2.03
CA SER B 159 -26.23 -19.60 0.86
C SER B 159 -25.16 -20.63 1.25
N LEU B 160 -25.17 -21.79 0.58
CA LEU B 160 -24.15 -22.80 0.80
C LEU B 160 -22.76 -22.29 0.40
N SER B 161 -22.68 -21.56 -0.73
CA SER B 161 -21.44 -20.98 -1.23
C SER B 161 -21.61 -19.46 -1.38
N SER B 162 -20.52 -18.75 -1.14
CA SER B 162 -20.51 -17.32 -1.39
C SER B 162 -19.11 -16.92 -1.81
N SER B 163 -19.00 -15.69 -2.34
CA SER B 163 -17.71 -15.12 -2.70
C SER B 163 -17.57 -13.77 -1.98
N VAL B 164 -16.55 -13.61 -1.14
CA VAL B 164 -16.34 -12.45 -0.30
C VAL B 164 -15.10 -11.68 -0.76
N HIS B 165 -15.18 -10.34 -0.69
CA HIS B 165 -13.98 -9.53 -0.82
C HIS B 165 -13.85 -8.64 0.40
N THR B 166 -12.61 -8.46 0.85
CA THR B 166 -12.31 -7.55 1.92
C THR B 166 -11.43 -6.43 1.39
N PHE B 167 -11.87 -5.18 1.56
CA PHE B 167 -11.16 -4.05 0.97
C PHE B 167 -10.28 -3.47 2.05
N PRO B 168 -8.94 -3.33 1.83
CA PRO B 168 -8.06 -2.74 2.84
C PRO B 168 -8.52 -1.37 3.34
N ALA B 169 -8.35 -1.19 4.65
CA ALA B 169 -8.72 0.07 5.29
C ALA B 169 -7.84 1.18 4.79
N LEU B 170 -8.45 2.36 4.73
CA LEU B 170 -7.74 3.62 4.50
C LEU B 170 -7.93 4.54 5.70
N LEU B 171 -6.87 5.28 6.03
CA LEU B 171 -6.89 6.27 7.11
C LEU B 171 -7.23 7.65 6.52
N GLN B 172 -8.29 8.28 7.03
CA GLN B 172 -8.63 9.64 6.66
C GLN B 172 -9.01 10.40 7.93
N SER B 173 -8.40 11.58 8.10
CA SER B 173 -8.65 12.43 9.25
C SER B 173 -8.59 11.64 10.56
N GLY B 174 -7.57 10.78 10.70
CA GLY B 174 -7.28 10.03 11.89
C GLY B 174 -8.14 8.79 12.14
N LEU B 175 -9.12 8.49 11.26
CA LEU B 175 -9.99 7.35 11.43
C LEU B 175 -9.95 6.45 10.19
N TYR B 176 -10.17 5.16 10.39
CA TYR B 176 -10.17 4.19 9.31
C TYR B 176 -11.57 3.97 8.75
N THR B 177 -11.59 3.63 7.46
CA THR B 177 -12.79 3.17 6.78
C THR B 177 -12.38 1.95 5.95
N MET B 178 -13.19 0.91 5.99
CA MET B 178 -12.99 -0.24 5.11
C MET B 178 -14.36 -0.67 4.63
N SER B 179 -14.38 -1.65 3.75
CA SER B 179 -15.63 -2.22 3.28
C SER B 179 -15.38 -3.68 2.96
N SER B 180 -16.50 -4.40 2.85
CA SER B 180 -16.52 -5.83 2.52
C SER B 180 -17.73 -6.12 1.64
N SER B 181 -17.56 -7.01 0.66
CA SER B 181 -18.67 -7.44 -0.20
C SER B 181 -18.85 -8.95 -0.12
N VAL B 182 -20.10 -9.37 -0.31
CA VAL B 182 -20.40 -10.78 -0.48
C VAL B 182 -21.34 -10.92 -1.66
N THR B 183 -21.12 -12.01 -2.42
CA THR B 183 -21.92 -12.34 -3.56
C THR B 183 -22.54 -13.72 -3.30
N VAL B 184 -23.86 -13.79 -3.46
CA VAL B 184 -24.63 -15.01 -3.24
C VAL B 184 -25.64 -15.13 -4.37
N PRO B 185 -26.15 -16.36 -4.64
CA PRO B 185 -27.25 -16.54 -5.58
C PRO B 185 -28.48 -15.71 -5.18
N SER B 186 -29.09 -15.08 -6.18
CA SER B 186 -30.27 -14.23 -5.98
C SER B 186 -31.44 -14.99 -5.36
N SER B 187 -31.44 -16.32 -5.50
CA SER B 187 -32.45 -17.18 -4.88
C SER B 187 -32.29 -17.23 -3.36
N THR B 188 -31.18 -16.74 -2.79
CA THR B 188 -30.93 -16.85 -1.37
C THR B 188 -31.11 -15.51 -0.64
N TRP B 189 -31.19 -14.40 -1.37
CA TRP B 189 -31.44 -13.08 -0.78
C TRP B 189 -32.29 -12.26 -1.74
N PRO B 190 -33.34 -11.52 -1.30
CA PRO B 190 -33.67 -11.33 0.13
C PRO B 190 -34.50 -12.40 0.86
N SER B 191 -34.73 -13.55 0.22
CA SER B 191 -35.59 -14.58 0.79
C SER B 191 -35.02 -15.13 2.10
N GLN B 192 -33.68 -15.24 2.20
CA GLN B 192 -33.02 -15.62 3.45
C GLN B 192 -32.24 -14.40 3.96
N THR B 193 -32.07 -14.36 5.29
CA THR B 193 -31.33 -13.34 6.00
C THR B 193 -29.85 -13.37 5.66
N VAL B 194 -29.30 -12.19 5.33
CA VAL B 194 -27.86 -11.98 5.26
C VAL B 194 -27.50 -10.93 6.30
N THR B 195 -26.47 -11.22 7.09
CA THR B 195 -25.97 -10.30 8.11
C THR B 195 -24.47 -10.16 7.97
N CYS B 196 -23.97 -8.96 8.20
CA CYS B 196 -22.53 -8.79 8.39
C CYS B 196 -22.31 -8.50 9.86
N SER B 197 -21.36 -9.24 10.44
CA SER B 197 -20.96 -9.08 11.82
C SER B 197 -19.57 -8.49 11.88
N VAL B 198 -19.50 -7.27 12.42
CA VAL B 198 -18.30 -6.49 12.36
C VAL B 198 -17.69 -6.41 13.75
N ALA B 199 -16.53 -7.05 13.89
CA ALA B 199 -15.79 -7.07 15.14
C ALA B 199 -14.66 -6.05 15.12
N HIS B 200 -14.54 -5.29 16.21
CA HIS B 200 -13.42 -4.39 16.45
C HIS B 200 -12.86 -4.75 17.82
N PRO B 201 -12.00 -5.78 17.94
CA PRO B 201 -11.56 -6.24 19.26
C PRO B 201 -10.97 -5.15 20.15
N ALA B 202 -10.32 -4.13 19.56
CA ALA B 202 -9.67 -3.08 20.35
C ALA B 202 -10.67 -2.28 21.18
N SER B 203 -11.91 -2.08 20.69
CA SER B 203 -12.98 -1.44 21.46
C SER B 203 -13.94 -2.46 22.09
N SER B 204 -13.62 -3.77 22.02
CA SER B 204 -14.48 -4.91 22.32
C SER B 204 -15.91 -4.72 21.79
N THR B 205 -16.01 -4.26 20.53
CA THR B 205 -17.31 -3.95 19.93
C THR B 205 -17.57 -4.92 18.78
N THR B 206 -18.77 -5.51 18.78
CA THR B 206 -19.30 -6.29 17.68
C THR B 206 -20.65 -5.71 17.30
N VAL B 207 -20.80 -5.38 16.01
CA VAL B 207 -22.07 -4.92 15.46
C VAL B 207 -22.56 -5.93 14.41
N ASP B 208 -23.77 -6.44 14.58
CA ASP B 208 -24.38 -7.31 13.59
C ASP B 208 -25.45 -6.51 12.85
N LYS B 209 -25.29 -6.47 11.54
CA LYS B 209 -26.16 -5.68 10.71
C LYS B 209 -26.85 -6.59 9.70
N LYS B 210 -28.19 -6.63 9.74
CA LYS B 210 -28.95 -7.38 8.75
C LYS B 210 -29.12 -6.54 7.48
N ILE B 211 -29.01 -7.18 6.30
CA ILE B 211 -29.06 -6.51 5.02
C ILE B 211 -30.52 -6.57 4.52
N GLU B 212 -31.16 -5.42 4.39
CA GLU B 212 -32.55 -5.34 3.95
C GLU B 212 -32.60 -4.66 2.58
N PRO B 213 -33.54 -5.03 1.68
CA PRO B 213 -33.64 -4.38 0.35
C PRO B 213 -33.31 -2.88 0.22
N ASP C 1 16.83 16.24 -7.54
CA ASP C 1 17.02 14.81 -7.16
C ASP C 1 16.76 13.93 -8.39
N VAL C 2 17.45 12.78 -8.45
CA VAL C 2 17.39 11.92 -9.62
C VAL C 2 16.07 11.17 -9.60
N VAL C 3 15.40 11.19 -10.75
CA VAL C 3 14.15 10.46 -10.87
C VAL C 3 14.48 9.07 -11.45
N MET C 4 13.98 8.04 -10.78
CA MET C 4 14.11 6.66 -11.20
C MET C 4 12.74 6.18 -11.66
N THR C 5 12.64 5.82 -12.96
CA THR C 5 11.38 5.44 -13.59
C THR C 5 11.41 3.96 -13.97
N GLN C 6 10.49 3.19 -13.39
CA GLN C 6 10.43 1.76 -13.69
C GLN C 6 9.29 1.45 -14.64
N THR C 7 9.58 0.50 -15.53
CA THR C 7 8.63 0.01 -16.53
C THR C 7 8.67 -1.52 -16.59
N PRO C 8 7.51 -2.23 -16.66
CA PRO C 8 6.19 -1.62 -16.45
C PRO C 8 5.88 -1.44 -14.96
N LEU C 9 4.70 -0.87 -14.64
CA LEU C 9 4.31 -0.73 -13.24
C LEU C 9 3.83 -2.07 -12.70
N SER C 10 3.28 -2.91 -13.59
CA SER C 10 2.87 -4.24 -13.20
C SER C 10 3.30 -5.22 -14.30
N LEU C 11 3.96 -6.34 -13.96
CA LEU C 11 4.41 -7.30 -14.96
C LEU C 11 3.73 -8.64 -14.70
N PRO C 12 2.75 -9.06 -15.53
CA PRO C 12 2.15 -10.38 -15.36
C PRO C 12 3.04 -11.47 -15.93
N VAL C 13 3.25 -12.54 -15.16
CA VAL C 13 4.01 -13.68 -15.67
C VAL C 13 3.30 -14.98 -15.32
N SER C 14 3.60 -16.04 -16.09
CA SER C 14 3.32 -17.38 -15.63
C SER C 14 4.54 -17.91 -14.89
N LEU C 15 4.28 -18.67 -13.83
CA LEU C 15 5.34 -19.29 -13.07
C LEU C 15 6.15 -20.17 -14.02
N GLY C 16 7.46 -20.07 -13.95
CA GLY C 16 8.32 -20.81 -14.88
C GLY C 16 8.77 -19.95 -16.07
N ASP C 17 8.10 -18.83 -16.33
CA ASP C 17 8.50 -17.93 -17.41
C ASP C 17 9.65 -17.01 -17.00
N GLN C 18 10.24 -16.36 -18.01
CA GLN C 18 11.22 -15.31 -17.81
C GLN C 18 10.50 -13.98 -17.58
N ALA C 19 11.10 -13.12 -16.76
CA ALA C 19 10.60 -11.76 -16.55
C ALA C 19 11.77 -10.79 -16.73
N SER C 20 11.44 -9.62 -17.27
CA SER C 20 12.37 -8.52 -17.43
C SER C 20 11.70 -7.23 -16.94
N ILE C 21 12.44 -6.47 -16.09
CA ILE C 21 11.99 -5.20 -15.51
C ILE C 21 13.03 -4.13 -15.83
N SER C 22 12.55 -2.93 -16.21
CA SER C 22 13.39 -1.82 -16.62
C SER C 22 13.39 -0.70 -15.58
N CYS C 23 14.55 -0.05 -15.44
CA CYS C 23 14.72 1.12 -14.58
C CYS C 23 15.51 2.12 -15.39
N ARG C 24 14.98 3.35 -15.47
CA ARG C 24 15.64 4.43 -16.21
C ARG C 24 15.84 5.60 -15.26
N SER C 25 17.06 6.17 -15.25
CA SER C 25 17.35 7.33 -14.43
C SER C 25 17.38 8.61 -15.28
N SER C 26 17.09 9.75 -14.63
CA SER C 26 17.03 11.06 -15.27
C SER C 26 18.43 11.65 -15.51
N GLN C 27 19.46 11.05 -14.93
CA GLN C 27 20.84 11.46 -15.06
C GLN C 27 21.71 10.22 -15.09
N SER C 28 22.92 10.30 -15.63
CA SER C 28 23.88 9.19 -15.50
C SER C 28 24.10 8.79 -14.04
N LEU C 29 24.22 7.47 -13.79
CA LEU C 29 24.51 7.00 -12.45
C LEU C 29 25.97 6.58 -12.27
N VAL C 30 26.85 6.98 -13.21
CA VAL C 30 28.28 6.81 -13.05
C VAL C 30 28.83 7.85 -12.08
N TYR C 31 29.48 7.37 -11.03
CA TYR C 31 30.13 8.21 -10.03
C TYR C 31 31.54 8.60 -10.48
N SER C 32 32.16 9.55 -9.77
CA SER C 32 33.50 10.03 -10.13
C SER C 32 34.58 8.94 -10.06
N ASN C 33 34.36 7.83 -9.36
CA ASN C 33 35.32 6.74 -9.32
C ASN C 33 35.05 5.69 -10.40
N GLY C 34 34.08 5.92 -11.30
CA GLY C 34 33.81 4.99 -12.38
C GLY C 34 32.75 3.93 -12.05
N ASN C 35 32.33 3.86 -10.78
CA ASN C 35 31.28 2.91 -10.41
C ASN C 35 29.88 3.42 -10.71
N THR C 36 28.97 2.48 -10.93
CA THR C 36 27.56 2.79 -11.16
C THR C 36 26.75 2.24 -9.99
N TYR C 37 26.22 3.13 -9.13
CA TYR C 37 25.60 2.70 -7.89
C TYR C 37 24.11 2.47 -8.07
N LEU C 38 23.76 1.46 -8.88
CA LEU C 38 22.40 1.05 -9.24
C LEU C 38 22.16 -0.35 -8.68
N ASP C 39 21.20 -0.46 -7.76
CA ASP C 39 20.86 -1.70 -7.08
C ASP C 39 19.38 -2.06 -7.27
N TRP C 40 19.08 -3.36 -7.12
CA TRP C 40 17.75 -3.90 -7.29
C TRP C 40 17.37 -4.64 -6.00
N PHE C 41 16.10 -4.46 -5.60
CA PHE C 41 15.51 -4.99 -4.38
C PHE C 41 14.18 -5.64 -4.69
N LEU C 42 13.86 -6.70 -3.93
CA LEU C 42 12.51 -7.27 -3.90
C LEU C 42 11.89 -6.96 -2.54
N GLN C 43 10.64 -6.45 -2.56
CA GLN C 43 9.90 -6.31 -1.32
C GLN C 43 8.57 -7.07 -1.38
N LYS C 44 8.36 -7.94 -0.41
CA LYS C 44 7.09 -8.64 -0.29
C LYS C 44 6.20 -7.89 0.69
N PRO C 45 4.85 -8.09 0.62
CA PRO C 45 3.92 -7.37 1.49
C PRO C 45 4.26 -7.53 2.97
N GLY C 46 4.26 -6.40 3.67
CA GLY C 46 4.53 -6.37 5.10
C GLY C 46 5.96 -6.72 5.48
N GLN C 47 6.89 -6.80 4.51
CA GLN C 47 8.27 -7.18 4.80
C GLN C 47 9.21 -6.06 4.34
N SER C 48 10.47 -6.18 4.72
CA SER C 48 11.45 -5.18 4.30
C SER C 48 12.01 -5.53 2.92
N PRO C 49 12.56 -4.55 2.18
CA PRO C 49 13.34 -4.85 0.97
C PRO C 49 14.48 -5.82 1.23
N LYS C 50 14.73 -6.72 0.25
CA LYS C 50 15.85 -7.61 0.25
C LYS C 50 16.68 -7.32 -1.01
N LEU C 51 17.99 -7.12 -0.84
CA LEU C 51 18.88 -6.82 -1.96
C LEU C 51 19.00 -8.04 -2.88
N LEU C 52 18.94 -7.81 -4.18
CA LEU C 52 19.13 -8.85 -5.17
C LEU C 52 20.46 -8.65 -5.90
N ILE C 53 20.61 -7.47 -6.51
CA ILE C 53 21.70 -7.15 -7.41
C ILE C 53 22.24 -5.79 -6.98
N TYR C 54 23.58 -5.65 -6.91
CA TYR C 54 24.17 -4.36 -6.55
C TYR C 54 25.18 -3.94 -7.61
N LYS C 55 25.36 -2.62 -7.76
CA LYS C 55 26.25 -2.07 -8.79
C LYS C 55 26.03 -2.75 -10.13
N VAL C 56 24.77 -2.67 -10.57
CA VAL C 56 24.25 -3.03 -11.87
C VAL C 56 24.08 -4.54 -12.01
N SER C 57 25.10 -5.31 -11.65
CA SER C 57 25.15 -6.68 -12.16
C SER C 57 25.79 -7.66 -11.21
N ASN C 58 26.13 -7.22 -9.99
CA ASN C 58 26.69 -8.12 -8.99
C ASN C 58 25.56 -8.74 -8.16
N ARG C 59 25.50 -10.09 -8.15
CA ARG C 59 24.49 -10.82 -7.40
C ARG C 59 24.88 -10.87 -5.93
N PHE C 60 23.96 -10.48 -5.07
CA PHE C 60 24.23 -10.47 -3.64
C PHE C 60 24.23 -11.90 -3.09
N SER C 61 25.05 -12.18 -2.06
CA SER C 61 25.21 -13.56 -1.64
C SER C 61 23.87 -14.05 -1.10
N GLY C 62 23.52 -15.30 -1.44
CA GLY C 62 22.27 -15.88 -0.95
C GLY C 62 21.15 -15.78 -1.96
N VAL C 63 21.32 -14.89 -2.96
CA VAL C 63 20.33 -14.66 -3.98
C VAL C 63 20.46 -15.76 -5.03
N PRO C 64 19.34 -16.44 -5.39
CA PRO C 64 19.34 -17.43 -6.48
C PRO C 64 19.92 -16.94 -7.80
N ASP C 65 20.59 -17.87 -8.48
CA ASP C 65 21.20 -17.71 -9.80
C ASP C 65 20.24 -17.19 -10.86
N ARG C 66 18.92 -17.29 -10.66
CA ARG C 66 17.99 -16.91 -11.72
C ARG C 66 17.82 -15.38 -11.85
N PHE C 67 18.35 -14.63 -10.86
CA PHE C 67 18.32 -13.18 -10.93
C PHE C 67 19.62 -12.66 -11.53
N SER C 68 19.50 -11.77 -12.49
CA SER C 68 20.67 -11.11 -13.05
C SER C 68 20.34 -9.66 -13.40
N GLY C 69 21.37 -8.81 -13.42
CA GLY C 69 21.18 -7.44 -13.79
C GLY C 69 22.11 -7.04 -14.91
N SER C 70 21.65 -6.08 -15.71
CA SER C 70 22.45 -5.58 -16.81
C SER C 70 22.17 -4.10 -16.98
N GLY C 71 22.97 -3.46 -17.84
CA GLY C 71 22.67 -2.10 -18.25
C GLY C 71 23.87 -1.19 -18.07
N SER C 72 23.66 0.09 -18.40
CA SER C 72 24.71 1.09 -18.29
C SER C 72 24.13 2.49 -18.36
N GLY C 73 24.81 3.45 -17.69
CA GLY C 73 24.52 4.86 -17.80
C GLY C 73 23.22 5.26 -17.09
N THR C 74 22.10 5.22 -17.85
CA THR C 74 20.77 5.59 -17.38
C THR C 74 19.72 4.51 -17.61
N ASP C 75 20.13 3.35 -18.16
CA ASP C 75 19.19 2.34 -18.64
C ASP C 75 19.60 0.99 -18.08
N PHE C 76 18.71 0.37 -17.27
CA PHE C 76 19.05 -0.81 -16.48
C PHE C 76 17.92 -1.83 -16.55
N THR C 77 18.29 -3.11 -16.47
CA THR C 77 17.35 -4.22 -16.56
C THR C 77 17.69 -5.28 -15.53
N LEU C 78 16.65 -5.73 -14.81
CA LEU C 78 16.69 -6.93 -13.99
C LEU C 78 15.96 -8.05 -14.73
N LYS C 79 16.59 -9.21 -14.82
CA LYS C 79 15.96 -10.39 -15.41
C LYS C 79 15.85 -11.51 -14.38
N ILE C 80 14.73 -12.23 -14.47
CA ILE C 80 14.52 -13.50 -13.78
C ILE C 80 14.34 -14.56 -14.88
N SER C 81 15.15 -15.62 -14.86
CA SER C 81 15.22 -16.55 -15.97
C SER C 81 14.03 -17.53 -15.97
N ARG C 82 13.58 -17.88 -14.75
CA ARG C 82 12.51 -18.84 -14.48
C ARG C 82 11.78 -18.43 -13.20
N VAL C 83 10.63 -17.75 -13.31
CA VAL C 83 9.97 -17.15 -12.15
C VAL C 83 9.35 -18.22 -11.24
N GLU C 84 9.58 -18.07 -9.93
CA GLU C 84 8.99 -18.96 -8.94
C GLU C 84 8.02 -18.15 -8.07
N ALA C 85 7.17 -18.87 -7.33
CA ALA C 85 6.15 -18.25 -6.50
C ALA C 85 6.78 -17.31 -5.46
N GLU C 86 7.98 -17.66 -4.96
CA GLU C 86 8.63 -16.88 -3.91
C GLU C 86 9.13 -15.54 -4.47
N ASP C 87 9.13 -15.39 -5.80
CA ASP C 87 9.66 -14.20 -6.47
C ASP C 87 8.56 -13.15 -6.71
N LEU C 88 7.30 -13.49 -6.48
CA LEU C 88 6.22 -12.52 -6.62
C LEU C 88 6.34 -11.48 -5.50
N GLY C 89 6.08 -10.22 -5.85
CA GLY C 89 6.27 -9.10 -4.94
C GLY C 89 6.60 -7.86 -5.74
N VAL C 90 7.15 -6.84 -5.08
CA VAL C 90 7.44 -5.59 -5.74
C VAL C 90 8.96 -5.44 -5.86
N TYR C 91 9.43 -5.15 -7.08
CA TYR C 91 10.84 -4.91 -7.37
C TYR C 91 11.08 -3.40 -7.48
N PHE C 92 12.14 -2.93 -6.83
CA PHE C 92 12.55 -1.52 -6.80
C PHE C 92 14.02 -1.44 -7.20
N CYS C 93 14.38 -0.38 -7.94
CA CYS C 93 15.77 0.01 -8.16
C CYS C 93 16.09 1.15 -7.20
N SER C 94 17.39 1.28 -6.87
CA SER C 94 17.88 2.40 -6.10
C SER C 94 19.15 2.95 -6.77
N GLN C 95 19.37 4.25 -6.58
CA GLN C 95 20.65 4.85 -6.93
C GLN C 95 21.20 5.53 -5.70
N THR C 96 22.53 5.43 -5.52
CA THR C 96 23.20 6.20 -4.48
C THR C 96 24.37 7.01 -5.07
N THR C 97 24.42 7.12 -6.38
CA THR C 97 25.43 7.95 -7.02
C THR C 97 25.29 9.42 -6.59
N HIS C 98 24.04 9.89 -6.55
CA HIS C 98 23.73 11.28 -6.27
C HIS C 98 22.98 11.41 -4.95
N VAL C 99 23.33 12.43 -4.16
CA VAL C 99 22.62 12.74 -2.94
C VAL C 99 21.41 13.63 -3.28
N PRO C 100 20.18 13.33 -2.80
CA PRO C 100 19.91 12.15 -1.97
C PRO C 100 19.74 10.86 -2.79
N PRO C 101 20.09 9.67 -2.21
CA PRO C 101 19.68 8.40 -2.79
C PRO C 101 18.19 8.45 -3.12
N THR C 102 17.79 7.82 -4.21
CA THR C 102 16.40 7.76 -4.59
C THR C 102 16.06 6.36 -5.11
N PHE C 103 14.77 6.09 -5.14
CA PHE C 103 14.26 4.78 -5.46
C PHE C 103 13.23 4.87 -6.58
N GLY C 104 13.16 3.81 -7.41
CA GLY C 104 12.08 3.67 -8.36
C GLY C 104 10.76 3.47 -7.61
N GLY C 105 9.65 3.65 -8.34
CA GLY C 105 8.33 3.54 -7.76
C GLY C 105 7.87 2.09 -7.56
N GLY C 106 8.62 1.15 -8.15
CA GLY C 106 8.33 -0.27 -7.97
C GLY C 106 7.59 -0.86 -9.18
N THR C 107 7.90 -2.14 -9.47
CA THR C 107 7.24 -2.95 -10.48
C THR C 107 6.67 -4.17 -9.75
N LYS C 108 5.35 -4.36 -9.82
CA LYS C 108 4.78 -5.54 -9.18
C LYS C 108 4.83 -6.73 -10.14
N LEU C 109 5.51 -7.80 -9.73
CA LEU C 109 5.48 -9.06 -10.48
C LEU C 109 4.28 -9.87 -9.99
N GLU C 110 3.32 -10.14 -10.90
CA GLU C 110 2.05 -10.77 -10.56
C GLU C 110 1.76 -11.92 -11.52
N ILE C 111 0.69 -12.67 -11.24
CA ILE C 111 0.31 -13.83 -12.02
C ILE C 111 -0.52 -13.38 -13.23
N LYS C 112 -0.16 -13.95 -14.39
CA LYS C 112 -0.88 -13.67 -15.63
C LYS C 112 -2.09 -14.60 -15.70
N ARG C 113 -3.19 -14.04 -16.19
CA ARG C 113 -4.40 -14.77 -16.46
C ARG C 113 -5.16 -13.98 -17.54
N THR C 114 -6.29 -14.49 -18.01
CA THR C 114 -6.98 -13.82 -19.09
C THR C 114 -7.68 -12.57 -18.58
N VAL C 115 -7.91 -11.63 -19.50
CA VAL C 115 -8.53 -10.41 -19.06
C VAL C 115 -10.00 -10.68 -18.73
N ALA C 116 -10.55 -9.91 -17.77
CA ALA C 116 -11.93 -10.06 -17.32
C ALA C 116 -12.47 -8.71 -16.94
N ALA C 117 -13.71 -8.46 -17.34
CA ALA C 117 -14.40 -7.23 -17.00
C ALA C 117 -14.85 -7.27 -15.54
N PRO C 118 -14.90 -6.09 -14.87
CA PRO C 118 -15.38 -6.01 -13.49
C PRO C 118 -16.89 -6.24 -13.47
N SER C 119 -17.37 -6.85 -12.38
CA SER C 119 -18.78 -6.85 -12.06
C SER C 119 -19.01 -5.65 -11.15
N VAL C 120 -19.84 -4.72 -11.59
CA VAL C 120 -19.94 -3.40 -10.96
C VAL C 120 -21.29 -3.30 -10.27
N PHE C 121 -21.27 -2.88 -8.99
CA PHE C 121 -22.48 -2.78 -8.20
C PHE C 121 -22.50 -1.44 -7.52
N ILE C 122 -23.64 -0.73 -7.60
CA ILE C 122 -23.78 0.55 -6.89
C ILE C 122 -24.79 0.44 -5.76
N PHE C 123 -24.52 1.19 -4.68
CA PHE C 123 -25.34 1.15 -3.49
C PHE C 123 -25.61 2.56 -3.00
N PRO C 124 -26.87 2.85 -2.65
CA PRO C 124 -27.23 4.14 -2.08
C PRO C 124 -26.80 4.21 -0.62
N PRO C 125 -26.76 5.43 -0.03
CA PRO C 125 -26.55 5.59 1.40
C PRO C 125 -27.63 4.89 2.22
N SER C 126 -27.20 4.32 3.36
CA SER C 126 -28.12 3.63 4.25
C SER C 126 -28.90 4.65 5.06
N ASP C 127 -30.10 4.26 5.50
CA ASP C 127 -30.87 5.10 6.41
C ASP C 127 -30.07 5.36 7.69
N GLU C 128 -29.29 4.38 8.18
CA GLU C 128 -28.46 4.51 9.37
C GLU C 128 -27.49 5.69 9.24
N GLN C 129 -26.73 5.70 8.13
CA GLN C 129 -25.79 6.79 7.90
C GLN C 129 -26.52 8.13 7.76
N LEU C 130 -27.66 8.17 7.07
CA LEU C 130 -28.35 9.43 6.81
C LEU C 130 -28.83 10.04 8.13
N LYS C 131 -29.15 9.16 9.11
CA LYS C 131 -29.54 9.60 10.45
C LYS C 131 -28.39 10.36 11.12
N SER C 132 -27.16 10.02 10.78
CA SER C 132 -26.01 10.67 11.39
C SER C 132 -25.51 11.85 10.55
N GLY C 133 -26.21 12.18 9.46
CA GLY C 133 -25.96 13.42 8.75
C GLY C 133 -25.08 13.22 7.52
N THR C 134 -24.81 11.95 7.20
CA THR C 134 -23.72 11.62 6.31
C THR C 134 -24.33 10.81 5.16
N ALA C 135 -23.70 10.75 3.97
CA ALA C 135 -24.27 10.00 2.86
C ALA C 135 -23.15 9.48 1.94
N SER C 136 -22.84 8.20 2.04
CA SER C 136 -21.83 7.55 1.21
C SER C 136 -22.53 6.75 0.14
N VAL C 137 -22.08 6.95 -1.10
CA VAL C 137 -22.51 6.15 -2.21
C VAL C 137 -21.33 5.25 -2.56
N VAL C 138 -21.60 3.95 -2.77
CA VAL C 138 -20.53 2.96 -2.89
C VAL C 138 -20.70 2.20 -4.18
N CYS C 139 -19.55 1.92 -4.76
CA CYS C 139 -19.46 1.16 -5.99
C CYS C 139 -18.41 0.09 -5.77
N LEU C 140 -18.79 -1.19 -5.90
CA LEU C 140 -17.82 -2.28 -5.91
C LEU C 140 -17.56 -2.66 -7.37
N LEU C 141 -16.30 -2.88 -7.68
CA LEU C 141 -15.86 -3.32 -8.98
C LEU C 141 -15.06 -4.61 -8.76
N ASN C 142 -15.68 -5.77 -9.00
CA ASN C 142 -15.15 -7.03 -8.50
C ASN C 142 -14.65 -7.93 -9.62
N ASN C 143 -13.56 -8.64 -9.32
CA ASN C 143 -13.02 -9.74 -10.09
C ASN C 143 -12.67 -9.32 -11.51
N PHE C 144 -11.86 -8.27 -11.63
CA PHE C 144 -11.38 -7.85 -12.94
C PHE C 144 -9.89 -8.13 -13.12
N TYR C 145 -9.49 -8.13 -14.39
CA TYR C 145 -8.10 -8.31 -14.73
C TYR C 145 -7.90 -7.69 -16.12
N PRO C 146 -6.82 -6.92 -16.36
CA PRO C 146 -5.77 -6.58 -15.40
C PRO C 146 -6.18 -5.48 -14.44
N ARG C 147 -5.25 -5.13 -13.55
CA ARG C 147 -5.50 -4.30 -12.40
C ARG C 147 -5.84 -2.87 -12.81
N GLU C 148 -5.33 -2.42 -13.97
CA GLU C 148 -5.51 -1.04 -14.39
C GLU C 148 -6.99 -0.75 -14.60
N ALA C 149 -7.54 0.23 -13.86
CA ALA C 149 -8.94 0.62 -13.96
C ALA C 149 -9.09 2.08 -13.55
N LYS C 150 -10.09 2.74 -14.11
CA LYS C 150 -10.36 4.13 -13.74
C LYS C 150 -11.84 4.22 -13.40
N VAL C 151 -12.13 4.91 -12.29
CA VAL C 151 -13.50 5.09 -11.85
C VAL C 151 -13.76 6.59 -11.78
N GLN C 152 -14.91 6.93 -12.33
CA GLN C 152 -15.38 8.30 -12.40
C GLN C 152 -16.77 8.33 -11.77
N TRP C 153 -16.96 9.27 -10.83
CA TRP C 153 -18.27 9.53 -10.27
C TRP C 153 -18.94 10.72 -10.95
N LYS C 154 -20.24 10.59 -11.19
CA LYS C 154 -21.00 11.76 -11.61
C LYS C 154 -22.22 11.94 -10.72
N VAL C 155 -22.51 13.21 -10.45
CA VAL C 155 -23.74 13.61 -9.78
C VAL C 155 -24.52 14.51 -10.74
N ASP C 156 -25.74 14.10 -11.11
CA ASP C 156 -26.57 14.86 -12.06
C ASP C 156 -25.77 15.23 -13.30
N ASN C 157 -24.98 14.26 -13.78
CA ASN C 157 -24.28 14.36 -15.06
C ASN C 157 -22.93 15.08 -14.90
N ALA C 158 -22.59 15.68 -13.76
CA ALA C 158 -21.36 16.45 -13.60
C ALA C 158 -20.34 15.64 -12.79
N LEU C 159 -19.11 15.53 -13.29
CA LEU C 159 -18.03 14.78 -12.64
C LEU C 159 -17.76 15.33 -11.24
N GLN C 160 -17.65 14.42 -10.25
CA GLN C 160 -17.24 14.80 -8.90
C GLN C 160 -15.95 14.07 -8.54
N SER C 161 -14.95 14.85 -8.13
CA SER C 161 -13.64 14.31 -7.76
C SER C 161 -13.44 14.37 -6.25
N GLY C 162 -13.92 15.44 -5.60
CA GLY C 162 -13.77 15.60 -4.15
C GLY C 162 -14.65 14.60 -3.37
N ASN C 163 -14.07 14.00 -2.30
CA ASN C 163 -14.72 13.11 -1.34
C ASN C 163 -14.86 11.68 -1.89
N SER C 164 -14.00 11.33 -2.86
CA SER C 164 -13.88 9.97 -3.38
C SER C 164 -12.72 9.28 -2.70
N GLN C 165 -12.97 8.06 -2.21
CA GLN C 165 -12.00 7.25 -1.50
C GLN C 165 -12.02 5.89 -2.23
N GLU C 166 -10.86 5.38 -2.70
CA GLU C 166 -10.77 4.11 -3.41
C GLU C 166 -9.82 3.13 -2.71
N SER C 167 -10.22 1.86 -2.68
CA SER C 167 -9.44 0.82 -2.03
C SER C 167 -9.40 -0.38 -2.97
N VAL C 168 -8.20 -0.89 -3.21
CA VAL C 168 -7.95 -1.95 -4.15
C VAL C 168 -7.43 -3.16 -3.34
N THR C 169 -7.90 -4.36 -3.64
CA THR C 169 -7.38 -5.57 -3.05
C THR C 169 -6.04 -5.90 -3.70
N GLU C 170 -5.29 -6.83 -3.08
CA GLU C 170 -4.18 -7.50 -3.74
C GLU C 170 -4.76 -8.59 -4.68
N GLN C 171 -3.89 -9.18 -5.48
CA GLN C 171 -4.31 -10.19 -6.44
C GLN C 171 -4.87 -11.39 -5.70
N ASP C 172 -6.05 -11.85 -6.11
CA ASP C 172 -6.76 -12.92 -5.43
C ASP C 172 -6.02 -14.23 -5.70
N SER C 173 -5.85 -15.04 -4.64
CA SER C 173 -5.16 -16.32 -4.79
C SER C 173 -6.04 -17.36 -5.51
N LYS C 174 -7.36 -17.16 -5.52
CA LYS C 174 -8.23 -18.19 -6.06
C LYS C 174 -8.42 -17.99 -7.58
N ASP C 175 -8.47 -16.72 -7.98
CA ASP C 175 -8.93 -16.19 -9.25
C ASP C 175 -7.84 -15.50 -10.08
N SER C 176 -6.82 -14.99 -9.39
CA SER C 176 -5.81 -14.07 -9.93
C SER C 176 -6.42 -12.74 -10.40
N THR C 177 -7.61 -12.41 -9.89
CA THR C 177 -8.23 -11.14 -10.23
C THR C 177 -7.95 -10.09 -9.18
N TYR C 178 -8.40 -8.88 -9.51
CA TYR C 178 -8.38 -7.76 -8.60
C TYR C 178 -9.81 -7.27 -8.38
N SER C 179 -10.02 -6.57 -7.26
CA SER C 179 -11.28 -5.93 -6.93
C SER C 179 -10.99 -4.55 -6.32
N LEU C 180 -11.97 -3.65 -6.39
CA LEU C 180 -11.84 -2.26 -5.95
C LEU C 180 -13.18 -1.83 -5.36
N SER C 181 -13.08 -1.05 -4.29
CA SER C 181 -14.20 -0.37 -3.68
C SER C 181 -13.98 1.12 -3.82
N SER C 182 -14.99 1.85 -4.31
CA SER C 182 -14.91 3.29 -4.47
C SER C 182 -16.09 3.91 -3.73
N THR C 183 -15.80 4.88 -2.86
CA THR C 183 -16.84 5.50 -2.04
C THR C 183 -16.82 7.02 -2.25
N LEU C 184 -17.98 7.56 -2.62
CA LEU C 184 -18.21 8.99 -2.69
C LEU C 184 -19.00 9.41 -1.44
N THR C 185 -18.35 10.20 -0.58
CA THR C 185 -18.97 10.64 0.66
C THR C 185 -19.43 12.09 0.54
N LEU C 186 -20.73 12.27 0.74
CA LEU C 186 -21.38 13.57 0.71
C LEU C 186 -21.98 13.84 2.08
N SER C 187 -22.48 15.08 2.28
CA SER C 187 -23.38 15.35 3.40
C SER C 187 -24.78 14.84 3.04
N LYS C 188 -25.57 14.49 4.05
CA LYS C 188 -26.98 14.22 3.84
C LYS C 188 -27.64 15.35 3.02
N ALA C 189 -27.41 16.62 3.40
CA ALA C 189 -28.00 17.77 2.72
C ALA C 189 -27.74 17.75 1.21
N ASP C 190 -26.48 17.55 0.83
CA ASP C 190 -26.04 17.45 -0.55
C ASP C 190 -26.71 16.26 -1.24
N TYR C 191 -26.68 15.08 -0.61
CA TYR C 191 -27.27 13.89 -1.20
C TYR C 191 -28.76 14.07 -1.50
N GLU C 192 -29.50 14.68 -0.57
CA GLU C 192 -30.95 14.80 -0.67
C GLU C 192 -31.38 15.91 -1.66
N LYS C 193 -30.41 16.70 -2.11
CA LYS C 193 -30.65 17.76 -3.09
C LYS C 193 -30.47 17.26 -4.52
N HIS C 194 -29.32 16.62 -4.78
CA HIS C 194 -29.10 16.07 -6.10
C HIS C 194 -29.92 14.79 -6.33
N LYS C 195 -30.02 14.31 -7.59
CA LYS C 195 -30.92 13.20 -7.89
C LYS C 195 -30.20 11.95 -8.42
N VAL C 196 -29.30 12.11 -9.42
CA VAL C 196 -28.73 10.95 -10.10
C VAL C 196 -27.28 10.78 -9.70
N TYR C 197 -26.94 9.54 -9.30
CA TYR C 197 -25.61 9.15 -8.85
C TYR C 197 -25.11 8.01 -9.76
N ALA C 198 -23.91 8.19 -10.33
CA ALA C 198 -23.34 7.30 -11.34
C ALA C 198 -21.88 7.00 -11.02
N CYS C 199 -21.50 5.71 -11.12
CA CYS C 199 -20.09 5.37 -11.12
C CYS C 199 -19.82 4.72 -12.49
N GLU C 200 -18.71 5.17 -13.11
CA GLU C 200 -18.35 4.77 -14.46
C GLU C 200 -16.97 4.13 -14.41
N VAL C 201 -16.87 2.91 -14.93
CA VAL C 201 -15.68 2.10 -14.82
C VAL C 201 -15.02 1.98 -16.19
N THR C 202 -13.82 2.55 -16.37
CA THR C 202 -13.06 2.37 -17.61
C THR C 202 -12.05 1.23 -17.43
N HIS C 203 -12.11 0.25 -18.33
CA HIS C 203 -11.27 -0.94 -18.26
C HIS C 203 -11.01 -1.46 -19.67
N GLN C 204 -9.83 -2.05 -19.87
CA GLN C 204 -9.37 -2.57 -21.18
C GLN C 204 -10.39 -3.48 -21.86
N GLY C 205 -11.24 -4.15 -21.07
CA GLY C 205 -12.18 -5.12 -21.62
C GLY C 205 -13.36 -4.52 -22.35
N LEU C 206 -13.54 -3.21 -22.29
CA LEU C 206 -14.70 -2.55 -22.92
C LEU C 206 -14.23 -1.27 -23.56
N SER C 207 -14.70 -0.94 -24.78
CA SER C 207 -14.28 0.31 -25.39
C SER C 207 -15.05 1.49 -24.78
N SER C 208 -16.21 1.22 -24.17
CA SER C 208 -16.98 2.26 -23.51
C SER C 208 -17.13 1.91 -22.03
N PRO C 209 -17.26 2.89 -21.11
CA PRO C 209 -17.37 2.61 -19.67
C PRO C 209 -18.48 1.63 -19.24
N VAL C 210 -18.26 0.83 -18.17
CA VAL C 210 -19.39 0.17 -17.53
C VAL C 210 -20.01 1.19 -16.57
N THR C 211 -21.30 1.46 -16.71
CA THR C 211 -21.96 2.54 -15.99
C THR C 211 -23.04 1.94 -15.10
N LYS C 212 -22.97 2.24 -13.79
CA LYS C 212 -24.04 1.86 -12.87
C LYS C 212 -24.57 3.15 -12.26
N SER C 213 -25.89 3.25 -12.14
CA SER C 213 -26.48 4.52 -11.72
C SER C 213 -27.76 4.26 -10.94
N PHE C 214 -28.09 5.18 -10.03
CA PHE C 214 -29.46 5.21 -9.54
C PHE C 214 -29.95 6.66 -9.41
N ASN C 215 -31.26 6.76 -9.31
CA ASN C 215 -31.93 8.02 -8.99
C ASN C 215 -32.42 7.94 -7.54
N ARG C 216 -32.03 8.94 -6.73
CA ARG C 216 -32.46 8.99 -5.35
C ARG C 216 -33.98 8.95 -5.24
N GLY C 217 -34.70 9.69 -6.08
CA GLY C 217 -36.16 9.77 -5.98
C GLY C 217 -36.85 8.45 -6.29
N GLU C 218 -36.13 7.52 -6.95
CA GLU C 218 -36.64 6.17 -7.19
C GLU C 218 -36.27 5.30 -6.00
#